data_2ZMJ
#
_entry.id   2ZMJ
#
_cell.length_a   153.730
_cell.length_b   43.242
_cell.length_c   41.953
_cell.angle_alpha   90.00
_cell.angle_beta   95.50
_cell.angle_gamma   90.00
#
_symmetry.space_group_name_H-M   'C 1 2 1'
#
loop_
_entity.id
_entity.type
_entity.pdbx_description
1 polymer 'Vitamin D3 receptor'
2 polymer 'Mediator of RNA polymerase II transcription subunit 1'
3 non-polymer (1R,3R,7E,17beta)-17-{(1S,2E,5R)-5-hydroxy-1-methyl-6-[(3S,5S,7S)-tricyclo[3.3.1.1~3,7~]dec-1-yl]hex-2-en-1-yl}-2-methylidene-9,10-secoestra-5,7-diene-1,3-diol
4 water water
#
loop_
_entity_poly.entity_id
_entity_poly.type
_entity_poly.pdbx_seq_one_letter_code
_entity_poly.pdbx_strand_id
1 'polypeptide(L)'
;GSHMGSPNSPLKDSLRPKLSEEQQHIIAILLDAHHKTYDPTYADFRDFRPPVRMDGSTGSVTLDLSPLSMLPHLADLVSY
SIQKVIGFAKMIPGFRDLTSDDQIVLLKSSAIEVIMLRSNQSFTMDDMSWDCGSQDYKYDVTDVSKAGHTLELIEPLIKF
QVGLKKLNLHEEEHVLLMAICIVSPDRPGVQDAKLVEAIQDRLSNTLQTYIRCRHPPPGSHQLYAKMIQKLADLRSLNEE
HSKQYRSLSFQPENSMKLTPLVLEVFGNEIS
;
A
2 'polypeptide(L)' KNHPMLMNLLKDN C
#
loop_
_chem_comp.id
_chem_comp.type
_chem_comp.name
_chem_comp.formula
MI4 non-polymer (1R,3R,7E,17beta)-17-{(1S,2E,5R)-5-hydroxy-1-methyl-6-[(3S,5S,7S)-tricyclo[3.3.1.1~3,7~]dec-1-yl]hex-2-en-1-yl}-2-methylidene-9,10-secoestra-5,7-diene-1,3-diol 'C36 H54 O3'
#
# COMPACT_ATOMS: atom_id res chain seq x y z
N LYS A 18 5.40 28.10 5.89
CA LYS A 18 5.85 27.60 7.22
C LYS A 18 6.49 26.22 7.13
N LEU A 19 6.75 25.78 5.91
CA LEU A 19 7.48 24.53 5.69
C LEU A 19 8.95 24.72 6.06
N SER A 20 9.37 24.08 7.14
CA SER A 20 10.77 24.17 7.55
C SER A 20 11.65 23.48 6.49
N GLU A 21 12.97 23.64 6.63
CA GLU A 21 13.88 23.07 5.65
C GLU A 21 13.96 21.56 5.86
N GLU A 22 13.78 21.15 7.10
CA GLU A 22 13.68 19.72 7.43
C GLU A 22 12.50 19.12 6.67
N GLN A 23 11.38 19.81 6.67
CA GLN A 23 10.16 19.29 6.09
C GLN A 23 10.22 19.22 4.56
N GLN A 24 10.91 20.18 3.95
CA GLN A 24 11.10 20.15 2.50
C GLN A 24 12.04 18.99 2.17
N HIS A 25 12.98 18.74 3.07
CA HIS A 25 13.89 17.61 2.93
C HIS A 25 13.09 16.32 2.90
N ILE A 26 12.27 16.13 3.93
CA ILE A 26 11.47 14.92 4.07
C ILE A 26 10.64 14.65 2.82
N ILE A 27 10.07 15.69 2.22
CA ILE A 27 9.23 15.55 1.03
C ILE A 27 10.05 15.27 -0.21
N ALA A 28 11.22 15.88 -0.28
CA ALA A 28 12.19 15.56 -1.35
C ALA A 28 12.51 14.07 -1.31
N ILE A 29 12.84 13.56 -0.12
CA ILE A 29 13.21 12.16 0.01
C ILE A 29 12.08 11.24 -0.45
N LEU A 30 10.85 11.59 -0.08
CA LEU A 30 9.76 10.65 -0.27
C LEU A 30 9.26 10.65 -1.71
N LEU A 31 9.36 11.79 -2.38
CA LEU A 31 9.08 11.84 -3.80
C LEU A 31 10.05 10.95 -4.56
N ASP A 32 11.32 11.11 -4.28
CA ASP A 32 12.36 10.30 -4.90
C ASP A 32 12.20 8.83 -4.51
N ALA A 33 11.94 8.58 -3.24
CA ALA A 33 11.72 7.21 -2.78
C ALA A 33 10.59 6.57 -3.60
N HIS A 34 9.52 7.32 -3.79
CA HIS A 34 8.40 6.82 -4.56
C HIS A 34 8.79 6.57 -6.02
N HIS A 35 9.36 7.58 -6.67
CA HIS A 35 9.78 7.46 -8.07
C HIS A 35 10.67 6.25 -8.31
N LYS A 36 11.49 5.90 -7.32
CA LYS A 36 12.44 4.80 -7.46
C LYS A 36 11.74 3.45 -7.33
N THR A 37 10.53 3.46 -6.77
CA THR A 37 9.83 2.21 -6.45
C THR A 37 8.47 2.07 -7.14
N TYR A 38 8.12 3.05 -7.95
CA TYR A 38 6.88 2.95 -8.72
C TYR A 38 7.13 3.30 -10.19
N ASP A 39 7.29 2.27 -11.01
CA ASP A 39 7.46 2.45 -12.45
C ASP A 39 6.08 2.58 -13.08
N PRO A 40 5.73 3.79 -13.54
CA PRO A 40 4.44 4.09 -14.18
C PRO A 40 4.26 3.53 -15.58
N THR A 41 5.20 2.71 -16.04
CA THR A 41 5.00 1.98 -17.28
C THR A 41 4.77 0.52 -16.96
N TYR A 42 4.89 0.20 -15.68
CA TYR A 42 4.47 -1.11 -15.19
C TYR A 42 5.12 -2.19 -16.05
N ALA A 43 6.38 -1.97 -16.43
CA ALA A 43 7.04 -2.81 -17.42
C ALA A 43 7.33 -4.23 -16.93
N ASP A 44 7.48 -4.40 -15.62
CA ASP A 44 7.82 -5.71 -15.06
C ASP A 44 6.64 -6.65 -15.02
N PHE A 45 5.46 -6.15 -15.36
CA PHE A 45 4.25 -6.97 -15.24
C PHE A 45 4.33 -8.18 -16.15
N ARG A 46 5.41 -8.25 -16.94
CA ARG A 46 5.67 -9.39 -17.82
C ARG A 46 6.28 -10.57 -17.09
N ASP A 47 7.12 -10.30 -16.10
CA ASP A 47 7.73 -11.38 -15.35
C ASP A 47 6.71 -12.14 -14.51
N PHE A 48 5.50 -11.58 -14.41
CA PHE A 48 4.40 -12.21 -13.68
C PHE A 48 3.81 -13.34 -14.50
N ARG A 49 3.57 -14.48 -13.86
CA ARG A 49 2.73 -15.51 -14.47
C ARG A 49 1.64 -14.81 -15.25
N PRO A 50 1.34 -15.29 -16.46
CA PRO A 50 0.32 -14.69 -17.33
C PRO A 50 -1.07 -14.61 -16.72
N PRO A 51 -1.81 -13.51 -17.02
CA PRO A 51 -3.16 -13.33 -16.50
C PRO A 51 -4.13 -14.21 -17.30
N VAL A 52 -5.22 -14.66 -16.68
CA VAL A 52 -6.18 -15.49 -17.38
C VAL A 52 -7.61 -15.07 -17.06
N ARG A 53 -8.30 -14.55 -18.06
CA ARG A 53 -9.71 -14.17 -17.92
C ARG A 53 -10.57 -15.05 -18.82
N MET A 54 -11.16 -16.11 -18.25
CA MET A 54 -11.96 -17.04 -19.05
C MET A 54 -13.18 -17.54 -18.28
N SER A 66 -12.53 -20.19 -15.61
CA SER A 66 -12.14 -19.03 -14.82
C SER A 66 -12.22 -19.23 -13.30
N PRO A 67 -12.12 -20.50 -12.83
CA PRO A 67 -12.20 -20.68 -11.38
C PRO A 67 -10.90 -20.21 -10.73
N LEU A 68 -10.93 -19.03 -10.10
CA LEU A 68 -9.72 -18.39 -9.60
C LEU A 68 -8.64 -18.35 -10.68
N SER A 69 -9.05 -17.96 -11.88
CA SER A 69 -8.16 -17.91 -13.04
C SER A 69 -7.11 -16.81 -12.90
N MET A 70 -7.41 -15.82 -12.08
CA MET A 70 -6.53 -14.67 -11.90
C MET A 70 -5.49 -14.85 -10.80
N LEU A 71 -5.71 -15.83 -9.94
CA LEU A 71 -4.95 -15.94 -8.69
C LEU A 71 -3.43 -15.94 -8.87
N PRO A 72 -2.91 -16.69 -9.86
CA PRO A 72 -1.45 -16.73 -10.09
C PRO A 72 -0.87 -15.37 -10.50
N HIS A 73 -1.57 -14.67 -11.38
CA HIS A 73 -1.08 -13.39 -11.87
C HIS A 73 -1.10 -12.32 -10.77
N LEU A 74 -2.25 -12.12 -10.14
CA LEU A 74 -2.36 -11.06 -9.14
C LEU A 74 -1.57 -11.40 -7.87
N ALA A 75 -1.52 -12.68 -7.51
CA ALA A 75 -0.60 -13.13 -6.48
C ALA A 75 0.78 -12.57 -6.75
N ASP A 76 1.20 -12.64 -8.02
CA ASP A 76 2.49 -12.10 -8.46
C ASP A 76 2.47 -10.58 -8.56
N LEU A 77 1.31 -9.99 -8.82
CA LEU A 77 1.20 -8.54 -8.74
C LEU A 77 1.40 -8.06 -7.29
N VAL A 78 0.79 -8.74 -6.34
CA VAL A 78 0.90 -8.36 -4.95
C VAL A 78 2.32 -8.58 -4.41
N SER A 79 2.88 -9.77 -4.63
CA SER A 79 4.23 -10.12 -4.18
C SER A 79 5.23 -9.05 -4.62
N TYR A 80 5.15 -8.66 -5.88
CA TYR A 80 5.97 -7.62 -6.47
C TYR A 80 5.74 -6.28 -5.76
N SER A 81 4.48 -5.92 -5.59
CA SER A 81 4.14 -4.68 -4.91
C SER A 81 4.65 -4.69 -3.45
N ILE A 82 4.60 -5.85 -2.81
CA ILE A 82 5.18 -5.99 -1.48
C ILE A 82 6.63 -5.51 -1.54
N GLN A 83 7.39 -6.06 -2.48
CA GLN A 83 8.81 -5.71 -2.63
C GLN A 83 8.98 -4.22 -2.80
N LYS A 84 8.20 -3.64 -3.70
CA LYS A 84 8.32 -2.23 -3.98
C LYS A 84 7.98 -1.36 -2.76
N VAL A 85 7.00 -1.80 -1.97
CA VAL A 85 6.60 -1.08 -0.77
C VAL A 85 7.73 -1.10 0.26
N ILE A 86 8.27 -2.29 0.54
CA ILE A 86 9.45 -2.41 1.39
C ILE A 86 10.53 -1.41 0.94
N GLY A 87 10.84 -1.43 -0.35
CA GLY A 87 11.81 -0.49 -0.92
C GLY A 87 11.49 0.98 -0.67
N PHE A 88 10.21 1.34 -0.63
CA PHE A 88 9.80 2.69 -0.27
C PHE A 88 9.97 2.93 1.22
N ALA A 89 9.53 1.97 2.03
CA ALA A 89 9.63 2.10 3.49
C ALA A 89 11.06 2.33 3.98
N LYS A 90 12.04 1.64 3.39
CA LYS A 90 13.41 1.75 3.88
C LYS A 90 13.92 3.18 3.77
N MET A 91 13.42 3.92 2.79
CA MET A 91 13.92 5.28 2.57
C MET A 91 13.16 6.32 3.38
N ILE A 92 12.19 5.89 4.17
CA ILE A 92 11.40 6.81 4.98
C ILE A 92 12.27 7.42 6.05
N PRO A 93 12.46 8.75 6.04
CA PRO A 93 13.30 9.35 7.07
C PRO A 93 12.88 8.88 8.45
N GLY A 94 13.76 8.11 9.10
CA GLY A 94 13.51 7.69 10.46
C GLY A 94 13.25 6.20 10.55
N PHE A 95 12.81 5.62 9.45
CA PHE A 95 12.45 4.20 9.46
C PHE A 95 13.66 3.37 9.83
N ARG A 96 14.84 3.86 9.44
CA ARG A 96 16.07 3.13 9.68
C ARG A 96 16.41 3.10 11.17
N ASP A 97 16.05 4.15 11.89
CA ASP A 97 16.35 4.23 13.32
C ASP A 97 15.56 3.22 14.11
N LEU A 98 14.63 2.52 13.43
CA LEU A 98 13.80 1.50 14.07
C LEU A 98 14.54 0.16 14.15
N THR A 99 14.07 -0.73 15.03
CA THR A 99 14.66 -2.06 15.13
C THR A 99 14.18 -2.92 13.95
N SER A 100 14.92 -3.98 13.65
CA SER A 100 14.54 -4.86 12.55
C SER A 100 13.20 -5.53 12.85
N ASP A 101 12.93 -5.77 14.13
CA ASP A 101 11.68 -6.42 14.54
C ASP A 101 10.47 -5.52 14.40
N ASP A 102 10.66 -4.23 14.70
CA ASP A 102 9.60 -3.25 14.55
C ASP A 102 9.38 -2.96 13.07
N GLN A 103 10.48 -2.84 12.32
CA GLN A 103 10.40 -2.72 10.87
C GLN A 103 9.57 -3.86 10.29
N ILE A 104 9.74 -5.06 10.86
CA ILE A 104 9.02 -6.23 10.38
C ILE A 104 7.53 -6.08 10.63
N VAL A 105 7.18 -5.71 11.85
CA VAL A 105 5.78 -5.64 12.24
C VAL A 105 5.05 -4.62 11.38
N LEU A 106 5.67 -3.45 11.20
CA LEU A 106 5.02 -2.37 10.50
C LEU A 106 4.77 -2.71 9.03
N LEU A 107 5.73 -3.37 8.41
CA LEU A 107 5.62 -3.74 7.00
C LEU A 107 4.60 -4.84 6.82
N LYS A 108 4.58 -5.78 7.75
CA LYS A 108 3.72 -6.94 7.65
C LYS A 108 2.25 -6.54 7.72
N SER A 109 1.96 -5.50 8.48
CA SER A 109 0.57 -5.07 8.67
C SER A 109 0.16 -3.93 7.75
N SER A 110 1.12 -3.16 7.22
CA SER A 110 0.77 -2.07 6.31
C SER A 110 0.79 -2.49 4.85
N ALA A 111 1.51 -3.58 4.56
CA ALA A 111 1.83 -3.91 3.18
C ALA A 111 0.64 -3.79 2.24
N ILE A 112 -0.47 -4.43 2.60
CA ILE A 112 -1.64 -4.49 1.73
C ILE A 112 -2.30 -3.12 1.65
N GLU A 113 -2.25 -2.38 2.76
CA GLU A 113 -2.83 -1.05 2.84
C GLU A 113 -2.07 -0.09 1.92
N VAL A 114 -0.74 -0.17 1.97
CA VAL A 114 0.08 0.71 1.15
C VAL A 114 -0.06 0.34 -0.34
N ILE A 115 -0.27 -0.93 -0.62
CA ILE A 115 -0.61 -1.36 -1.96
C ILE A 115 -1.96 -0.77 -2.42
N MET A 116 -2.97 -0.78 -1.55
CA MET A 116 -4.22 -0.14 -1.93
C MET A 116 -4.00 1.35 -2.21
N LEU A 117 -3.26 2.02 -1.33
CA LEU A 117 -2.96 3.43 -1.53
C LEU A 117 -2.19 3.72 -2.83
N ARG A 118 -1.08 3.03 -3.06
CA ARG A 118 -0.25 3.33 -4.23
C ARG A 118 -0.99 2.90 -5.51
N SER A 119 -1.87 1.90 -5.39
CA SER A 119 -2.67 1.46 -6.52
C SER A 119 -3.59 2.56 -7.02
N ASN A 120 -3.85 3.57 -6.19
CA ASN A 120 -4.72 4.65 -6.59
C ASN A 120 -4.18 5.35 -7.82
N GLN A 121 -2.87 5.26 -8.01
CA GLN A 121 -2.19 5.99 -9.09
C GLN A 121 -2.61 5.41 -10.44
N SER A 122 -2.82 4.10 -10.49
CA SER A 122 -3.23 3.43 -11.72
C SER A 122 -4.75 3.29 -11.84
N PHE A 123 -5.47 3.55 -10.75
CA PHE A 123 -6.91 3.40 -10.75
C PHE A 123 -7.52 4.60 -11.47
N THR A 124 -8.58 4.37 -12.24
CA THR A 124 -9.26 5.49 -12.88
C THR A 124 -10.78 5.39 -12.82
N MET A 125 -11.44 6.49 -12.51
CA MET A 125 -12.88 6.52 -12.28
C MET A 125 -13.63 6.44 -13.61
N ASP A 126 -12.88 6.36 -14.70
CA ASP A 126 -13.48 6.21 -16.01
C ASP A 126 -14.35 4.95 -16.03
N ASP A 127 -13.73 3.79 -15.85
CA ASP A 127 -14.48 2.55 -15.80
C ASP A 127 -14.30 1.82 -14.48
N MET A 128 -13.89 2.54 -13.44
CA MET A 128 -13.64 1.94 -12.12
C MET A 128 -12.66 0.78 -12.18
N SER A 129 -11.52 0.99 -12.82
CA SER A 129 -10.51 -0.06 -12.95
C SER A 129 -9.12 0.48 -12.69
N TRP A 130 -8.18 -0.43 -12.43
CA TRP A 130 -6.78 -0.06 -12.34
C TRP A 130 -6.12 -0.27 -13.69
N ASP A 131 -5.83 0.82 -14.37
CA ASP A 131 -5.33 0.76 -15.73
C ASP A 131 -3.82 0.91 -15.78
N CYS A 132 -3.13 -0.21 -15.92
CA CYS A 132 -1.66 -0.24 -15.96
C CYS A 132 -1.15 -0.53 -17.36
N GLY A 133 -0.95 0.51 -18.17
CA GLY A 133 -0.44 0.28 -19.53
C GLY A 133 -1.56 0.03 -20.52
N SER A 134 -2.06 -1.21 -20.58
CA SER A 134 -3.41 -1.45 -21.07
C SER A 134 -3.91 -2.89 -21.03
N GLN A 135 -5.15 -3.06 -21.48
CA GLN A 135 -5.96 -4.27 -21.35
C GLN A 135 -5.35 -5.44 -20.58
N ASP A 136 -4.30 -6.03 -21.12
CA ASP A 136 -3.74 -7.24 -20.53
C ASP A 136 -3.28 -6.99 -19.10
N TYR A 137 -2.97 -5.74 -18.80
CA TYR A 137 -2.62 -5.34 -17.44
C TYR A 137 -3.54 -4.22 -16.97
N LYS A 138 -4.79 -4.27 -17.43
CA LYS A 138 -5.85 -3.41 -16.93
C LYS A 138 -6.76 -4.32 -16.10
N TYR A 139 -6.95 -3.99 -14.82
CA TYR A 139 -7.65 -4.89 -13.92
C TYR A 139 -8.97 -4.30 -13.46
N ASP A 140 -9.98 -5.15 -13.30
CA ASP A 140 -11.34 -4.68 -13.02
C ASP A 140 -12.07 -5.56 -12.01
N VAL A 141 -13.28 -5.14 -11.65
CA VAL A 141 -14.05 -5.79 -10.58
C VAL A 141 -14.15 -7.30 -10.80
N THR A 142 -14.50 -7.71 -12.01
CA THR A 142 -14.62 -9.13 -12.29
C THR A 142 -13.26 -9.81 -12.33
N ASP A 143 -12.24 -9.12 -12.82
CA ASP A 143 -10.88 -9.63 -12.75
C ASP A 143 -10.48 -9.90 -11.30
N VAL A 144 -10.55 -8.86 -10.47
CA VAL A 144 -10.20 -8.97 -9.06
C VAL A 144 -11.01 -10.08 -8.40
N SER A 145 -12.30 -10.08 -8.69
CA SER A 145 -13.20 -11.14 -8.23
C SER A 145 -12.64 -12.54 -8.51
N LYS A 146 -12.08 -12.73 -9.70
CA LYS A 146 -11.66 -14.04 -10.18
C LYS A 146 -10.36 -14.53 -9.55
N ALA A 147 -9.91 -13.88 -8.49
CA ALA A 147 -8.66 -14.25 -7.87
C ALA A 147 -8.87 -14.85 -6.48
N GLY A 148 -10.12 -14.78 -5.99
CA GLY A 148 -10.44 -15.44 -4.74
C GLY A 148 -10.86 -14.54 -3.58
N HIS A 149 -11.05 -13.26 -3.85
CA HIS A 149 -11.64 -12.38 -2.85
C HIS A 149 -13.06 -12.03 -3.27
N THR A 150 -13.97 -12.01 -2.29
CA THR A 150 -15.39 -11.80 -2.57
C THR A 150 -15.69 -10.34 -2.87
N LEU A 151 -16.96 -9.96 -2.81
CA LEU A 151 -17.35 -8.56 -2.97
C LEU A 151 -17.50 -7.88 -1.61
N GLU A 152 -17.41 -8.67 -0.54
CA GLU A 152 -17.34 -8.11 0.81
C GLU A 152 -16.09 -7.23 0.95
N LEU A 153 -15.05 -7.54 0.17
CA LEU A 153 -13.84 -6.72 0.12
C LEU A 153 -13.82 -5.75 -1.06
N ILE A 154 -14.10 -6.27 -2.24
CA ILE A 154 -13.90 -5.53 -3.49
C ILE A 154 -14.80 -4.30 -3.61
N GLU A 155 -16.04 -4.43 -3.17
CA GLU A 155 -16.99 -3.33 -3.29
C GLU A 155 -16.46 -2.13 -2.50
N PRO A 156 -16.17 -2.32 -1.20
CA PRO A 156 -15.66 -1.20 -0.40
C PRO A 156 -14.25 -0.74 -0.81
N LEU A 157 -13.48 -1.65 -1.40
CA LEU A 157 -12.16 -1.28 -1.90
C LEU A 157 -12.30 -0.26 -3.00
N ILE A 158 -13.22 -0.51 -3.92
CA ILE A 158 -13.43 0.38 -5.06
C ILE A 158 -13.95 1.71 -4.57
N LYS A 159 -14.92 1.67 -3.66
CA LYS A 159 -15.44 2.86 -3.01
C LYS A 159 -14.29 3.71 -2.51
N PHE A 160 -13.40 3.07 -1.73
CA PHE A 160 -12.20 3.70 -1.18
C PHE A 160 -11.41 4.40 -2.27
N GLN A 161 -11.15 3.69 -3.37
CA GLN A 161 -10.38 4.21 -4.49
C GLN A 161 -11.05 5.45 -5.04
N VAL A 162 -12.37 5.40 -5.18
CA VAL A 162 -13.10 6.55 -5.68
C VAL A 162 -12.96 7.77 -4.79
N GLY A 163 -13.12 7.59 -3.48
CA GLY A 163 -12.99 8.71 -2.55
C GLY A 163 -11.57 9.27 -2.43
N LEU A 164 -10.57 8.40 -2.55
CA LEU A 164 -9.18 8.83 -2.46
C LEU A 164 -8.84 9.59 -3.74
N LYS A 165 -9.34 9.08 -4.87
CA LYS A 165 -9.11 9.73 -6.15
C LYS A 165 -9.64 11.16 -6.10
N LYS A 166 -10.87 11.30 -5.64
CA LYS A 166 -11.54 12.59 -5.63
C LYS A 166 -10.87 13.65 -4.79
N LEU A 167 -10.06 13.26 -3.81
CA LEU A 167 -9.32 14.24 -3.04
C LEU A 167 -8.21 14.88 -3.90
N ASN A 168 -7.85 14.20 -4.99
CA ASN A 168 -6.80 14.70 -5.88
C ASN A 168 -5.56 15.15 -5.12
N LEU A 169 -5.01 14.26 -4.30
CA LEU A 169 -3.87 14.64 -3.48
C LEU A 169 -2.77 15.15 -4.38
N HIS A 170 -1.98 16.09 -3.88
CA HIS A 170 -0.69 16.36 -4.46
C HIS A 170 0.15 15.09 -4.28
N GLU A 171 1.02 14.81 -5.24
CA GLU A 171 1.85 13.62 -5.15
C GLU A 171 2.64 13.64 -3.83
N GLU A 172 3.02 14.82 -3.37
CA GLU A 172 3.69 14.98 -2.07
C GLU A 172 2.82 14.49 -0.92
N GLU A 173 1.51 14.72 -1.05
CA GLU A 173 0.56 14.28 -0.05
C GLU A 173 0.36 12.77 -0.19
N HIS A 174 0.35 12.30 -1.43
CA HIS A 174 0.29 10.87 -1.71
C HIS A 174 1.41 10.11 -0.95
N VAL A 175 2.66 10.52 -1.12
CA VAL A 175 3.77 9.76 -0.57
C VAL A 175 3.89 9.93 0.93
N LEU A 176 3.49 11.09 1.43
CA LEU A 176 3.45 11.32 2.88
C LEU A 176 2.43 10.41 3.53
N LEU A 177 1.30 10.20 2.87
CA LEU A 177 0.23 9.36 3.41
C LEU A 177 0.65 7.89 3.44
N MET A 178 1.33 7.43 2.40
CA MET A 178 1.83 6.06 2.36
C MET A 178 2.85 5.81 3.47
N ALA A 179 3.62 6.83 3.79
CA ALA A 179 4.68 6.67 4.78
C ALA A 179 4.07 6.71 6.18
N ILE A 180 3.18 7.68 6.38
CA ILE A 180 2.41 7.76 7.61
C ILE A 180 1.69 6.44 7.90
N CYS A 181 1.18 5.79 6.85
CA CYS A 181 0.45 4.54 7.03
C CYS A 181 1.38 3.42 7.53
N ILE A 182 2.57 3.37 6.95
CA ILE A 182 3.56 2.35 7.26
C ILE A 182 4.02 2.52 8.71
N VAL A 183 4.38 3.76 9.07
CA VAL A 183 4.84 4.09 10.40
C VAL A 183 3.71 4.39 11.38
N SER A 184 2.88 3.38 11.65
CA SER A 184 1.78 3.50 12.60
C SER A 184 2.11 2.84 13.94
N PRO A 185 2.03 3.62 15.05
CA PRO A 185 2.32 3.11 16.41
C PRO A 185 1.46 1.94 16.90
N ASP A 186 0.20 1.92 16.50
CA ASP A 186 -0.77 1.03 17.13
C ASP A 186 -0.81 -0.35 16.53
N ARG A 187 0.06 -0.63 15.57
CA ARG A 187 0.02 -1.94 14.91
C ARG A 187 0.36 -2.99 15.97
N PRO A 188 -0.44 -4.07 16.06
CA PRO A 188 -0.15 -5.09 17.06
C PRO A 188 1.23 -5.73 16.91
N GLY A 189 1.99 -5.76 18.00
CA GLY A 189 3.28 -6.40 18.01
C GLY A 189 4.42 -5.42 18.16
N VAL A 190 4.10 -4.14 18.09
CA VAL A 190 5.12 -3.10 18.13
C VAL A 190 5.76 -3.04 19.52
N GLN A 191 7.07 -2.83 19.55
CA GLN A 191 7.79 -2.68 20.81
C GLN A 191 8.00 -1.21 21.16
N ASP A 192 8.93 -0.57 20.46
CA ASP A 192 9.24 0.83 20.72
C ASP A 192 8.20 1.75 20.07
N ALA A 193 6.93 1.51 20.40
CA ALA A 193 5.83 2.29 19.83
C ALA A 193 6.06 3.77 20.01
N LYS A 194 6.85 4.13 21.02
CA LYS A 194 7.08 5.52 21.35
C LYS A 194 7.94 6.18 20.28
N LEU A 195 8.96 5.47 19.81
CA LEU A 195 9.85 6.00 18.78
C LEU A 195 9.20 5.84 17.41
N VAL A 196 8.32 4.85 17.28
CA VAL A 196 7.48 4.75 16.09
C VAL A 196 6.63 6.01 15.99
N GLU A 197 6.03 6.41 17.10
CA GLU A 197 5.14 7.56 17.08
C GLU A 197 5.85 8.85 16.71
N ALA A 198 7.10 8.97 17.13
CA ALA A 198 7.84 10.20 16.88
C ALA A 198 8.15 10.31 15.39
N ILE A 199 8.45 9.18 14.76
CA ILE A 199 8.75 9.20 13.34
C ILE A 199 7.47 9.49 12.55
N GLN A 200 6.34 8.97 13.03
CA GLN A 200 5.09 9.24 12.35
C GLN A 200 4.68 10.70 12.55
N ASP A 201 4.79 11.18 13.79
CA ASP A 201 4.44 12.56 14.10
C ASP A 201 5.19 13.52 13.19
N ARG A 202 6.51 13.34 13.11
CA ARG A 202 7.31 14.18 12.24
C ARG A 202 6.70 14.22 10.84
N LEU A 203 6.20 13.08 10.38
CA LEU A 203 5.60 12.99 9.04
C LEU A 203 4.21 13.62 8.98
N SER A 204 3.40 13.39 10.00
CA SER A 204 2.11 14.07 10.15
C SER A 204 2.21 15.60 10.11
N ASN A 205 3.00 16.17 11.01
CA ASN A 205 3.11 17.62 11.09
C ASN A 205 3.69 18.13 9.76
N THR A 206 4.44 17.29 9.07
CA THR A 206 4.92 17.65 7.75
C THR A 206 3.75 17.73 6.75
N LEU A 207 2.78 16.82 6.89
CA LEU A 207 1.64 16.78 5.99
C LEU A 207 0.68 17.93 6.33
N GLN A 208 0.36 18.08 7.62
CA GLN A 208 -0.54 19.14 8.06
C GLN A 208 -0.05 20.48 7.54
N THR A 209 1.25 20.70 7.72
CA THR A 209 1.86 21.95 7.32
C THR A 209 1.88 22.11 5.80
N TYR A 210 2.23 21.05 5.06
CA TYR A 210 2.28 21.13 3.61
C TYR A 210 0.92 21.53 3.07
N ILE A 211 -0.13 20.88 3.56
CA ILE A 211 -1.49 21.16 3.09
C ILE A 211 -1.84 22.65 3.22
N ARG A 212 -1.38 23.26 4.30
CA ARG A 212 -1.64 24.67 4.58
C ARG A 212 -0.85 25.58 3.65
N CYS A 213 0.43 25.29 3.46
CA CYS A 213 1.26 26.17 2.67
C CYS A 213 1.15 25.94 1.18
N ARG A 214 0.87 24.70 0.78
CA ARG A 214 0.92 24.33 -0.63
C ARG A 214 -0.40 23.89 -1.24
N HIS A 215 -1.39 23.55 -0.42
CA HIS A 215 -2.67 23.15 -0.98
C HIS A 215 -3.67 24.29 -0.90
N PRO A 216 -4.01 24.86 -2.06
CA PRO A 216 -4.97 25.98 -2.09
C PRO A 216 -6.42 25.54 -1.98
N PRO A 217 -7.28 26.42 -1.45
CA PRO A 217 -8.70 26.10 -1.30
C PRO A 217 -9.34 26.08 -2.69
N PRO A 218 -10.50 25.40 -2.84
CA PRO A 218 -11.20 24.64 -1.80
C PRO A 218 -10.61 23.25 -1.54
N GLY A 219 -9.75 22.80 -2.44
CA GLY A 219 -9.10 21.51 -2.26
C GLY A 219 -8.48 21.31 -0.88
N SER A 220 -8.07 22.39 -0.23
CA SER A 220 -7.39 22.29 1.04
C SER A 220 -8.37 21.91 2.16
N HIS A 221 -9.67 22.01 1.86
CA HIS A 221 -10.66 22.04 2.91
C HIS A 221 -10.77 20.74 3.69
N GLN A 222 -10.30 20.78 4.93
CA GLN A 222 -10.34 19.62 5.82
C GLN A 222 -9.57 18.46 5.22
N LEU A 223 -8.60 18.76 4.37
CA LEU A 223 -7.96 17.72 3.59
C LEU A 223 -7.25 16.72 4.51
N TYR A 224 -6.59 17.20 5.54
CA TYR A 224 -5.85 16.33 6.45
C TYR A 224 -6.77 15.32 7.13
N ALA A 225 -7.86 15.81 7.67
CA ALA A 225 -8.81 14.97 8.37
C ALA A 225 -9.39 13.94 7.42
N LYS A 226 -9.62 14.34 6.18
CA LYS A 226 -10.10 13.41 5.16
C LYS A 226 -9.05 12.37 4.76
N MET A 227 -7.78 12.68 4.98
CA MET A 227 -6.70 11.73 4.67
C MET A 227 -6.53 10.72 5.81
N ILE A 228 -6.61 11.22 7.05
CA ILE A 228 -6.48 10.39 8.24
C ILE A 228 -7.65 9.41 8.29
N GLN A 229 -8.79 9.83 7.74
CA GLN A 229 -9.94 8.95 7.63
C GLN A 229 -9.72 7.80 6.64
N LYS A 230 -8.96 8.05 5.57
CA LYS A 230 -8.60 6.99 4.64
C LYS A 230 -7.77 5.91 5.35
N LEU A 231 -6.95 6.32 6.31
CA LEU A 231 -6.17 5.38 7.12
C LEU A 231 -7.09 4.43 7.90
N ALA A 232 -8.20 4.94 8.40
CA ALA A 232 -9.17 4.11 9.10
C ALA A 232 -9.93 3.21 8.13
N ASP A 233 -10.27 3.72 6.95
CA ASP A 233 -10.90 2.88 5.93
C ASP A 233 -9.95 1.73 5.56
N LEU A 234 -8.66 2.05 5.48
CA LEU A 234 -7.65 1.04 5.20
C LEU A 234 -7.58 -0.09 6.22
N ARG A 235 -7.73 0.22 7.51
CA ARG A 235 -7.66 -0.80 8.55
C ARG A 235 -8.78 -1.80 8.35
N SER A 236 -9.96 -1.24 8.06
CA SER A 236 -11.15 -2.05 7.85
C SER A 236 -10.99 -2.98 6.65
N LEU A 237 -10.46 -2.46 5.54
CA LEU A 237 -10.24 -3.27 4.35
C LEU A 237 -9.22 -4.36 4.64
N ASN A 238 -8.18 -3.99 5.37
CA ASN A 238 -7.11 -4.90 5.73
C ASN A 238 -7.71 -6.06 6.51
N GLU A 239 -8.47 -5.71 7.55
CA GLU A 239 -9.16 -6.70 8.38
C GLU A 239 -9.99 -7.64 7.51
N GLU A 240 -10.73 -7.09 6.56
CA GLU A 240 -11.49 -7.95 5.66
C GLU A 240 -10.55 -8.82 4.84
N HIS A 241 -9.47 -8.22 4.34
CA HIS A 241 -8.51 -8.93 3.52
C HIS A 241 -7.81 -10.06 4.27
N SER A 242 -7.37 -9.77 5.49
CA SER A 242 -6.73 -10.77 6.33
C SER A 242 -7.64 -11.96 6.64
N LYS A 243 -8.95 -11.71 6.67
CA LYS A 243 -9.92 -12.79 6.89
C LYS A 243 -10.09 -13.67 5.65
N GLN A 244 -10.15 -13.04 4.47
CA GLN A 244 -10.33 -13.80 3.25
C GLN A 244 -9.02 -14.38 2.75
N TYR A 245 -7.90 -13.90 3.30
CA TYR A 245 -6.63 -14.54 3.06
C TYR A 245 -6.58 -15.89 3.79
N ARG A 246 -6.94 -15.89 5.06
CA ARG A 246 -7.01 -17.13 5.83
C ARG A 246 -7.90 -18.15 5.12
N SER A 247 -8.79 -17.67 4.26
CA SER A 247 -9.74 -18.54 3.58
C SER A 247 -9.11 -19.22 2.37
N LEU A 248 -8.53 -18.42 1.47
CA LEU A 248 -7.83 -18.97 0.33
C LEU A 248 -6.72 -19.92 0.79
N SER A 249 -6.04 -19.56 1.87
CA SER A 249 -4.82 -20.24 2.27
C SER A 249 -5.06 -21.49 3.10
N PHE A 250 -6.29 -21.74 3.51
CA PHE A 250 -6.60 -22.96 4.26
C PHE A 250 -6.69 -24.14 3.29
N GLN A 251 -6.96 -23.83 2.03
CA GLN A 251 -6.86 -24.82 0.97
C GLN A 251 -5.45 -24.86 0.37
N PRO A 252 -4.65 -25.87 0.75
CA PRO A 252 -3.29 -25.99 0.24
C PRO A 252 -3.19 -25.82 -1.27
N GLU A 253 -4.19 -26.34 -1.98
CA GLU A 253 -4.20 -26.25 -3.44
C GLU A 253 -4.22 -24.79 -3.94
N ASN A 254 -4.67 -23.89 -3.07
CA ASN A 254 -4.62 -22.46 -3.37
C ASN A 254 -3.32 -21.83 -2.88
N SER A 255 -2.99 -22.11 -1.62
CA SER A 255 -1.73 -21.71 -1.03
C SER A 255 -0.56 -22.03 -1.95
N MET A 256 -0.75 -23.03 -2.80
CA MET A 256 0.30 -23.55 -3.67
C MET A 256 0.44 -22.68 -4.93
N LYS A 257 -0.47 -21.74 -5.12
CA LYS A 257 -0.44 -20.89 -6.30
C LYS A 257 0.20 -19.53 -6.01
N LEU A 258 0.55 -19.31 -4.75
CA LEU A 258 1.09 -18.01 -4.34
C LEU A 258 2.61 -17.95 -4.54
N THR A 259 3.22 -16.87 -4.05
CA THR A 259 4.67 -16.76 -4.03
C THR A 259 5.13 -16.93 -2.58
N PRO A 260 6.41 -17.26 -2.37
CA PRO A 260 6.91 -17.42 -1.00
C PRO A 260 6.84 -16.12 -0.18
N LEU A 261 7.12 -14.98 -0.82
CA LEU A 261 7.11 -13.69 -0.12
C LEU A 261 5.71 -13.36 0.39
N VAL A 262 4.70 -13.59 -0.46
CA VAL A 262 3.33 -13.41 -0.06
C VAL A 262 2.99 -14.32 1.12
N LEU A 263 3.45 -15.56 1.06
CA LEU A 263 3.23 -16.50 2.16
C LEU A 263 3.81 -15.95 3.46
N GLU A 264 5.03 -15.44 3.36
CA GLU A 264 5.75 -14.99 4.53
C GLU A 264 5.15 -13.71 5.10
N VAL A 265 4.78 -12.77 4.22
CA VAL A 265 4.26 -11.48 4.67
C VAL A 265 2.84 -11.56 5.22
N PHE A 266 1.96 -12.25 4.52
CA PHE A 266 0.58 -12.34 4.97
C PHE A 266 0.40 -13.45 6.02
N GLY A 267 1.46 -13.70 6.78
CA GLY A 267 1.41 -14.70 7.84
C GLY A 267 1.30 -16.11 7.28
N ASN A 268 2.14 -17.03 7.78
CA ASN A 268 2.20 -18.39 7.21
C ASN A 268 2.11 -19.52 8.24
N LYS B 1 7.89 -14.89 14.41
CA LYS B 1 7.70 -15.92 13.34
C LYS B 1 8.99 -16.12 12.52
N ASN B 2 9.92 -15.18 12.64
CA ASN B 2 11.17 -15.20 11.87
C ASN B 2 10.87 -15.14 10.38
N HIS B 3 11.06 -13.95 9.79
CA HIS B 3 10.72 -13.72 8.39
C HIS B 3 11.97 -13.50 7.56
N PRO B 4 12.53 -14.60 7.02
CA PRO B 4 13.75 -14.60 6.19
C PRO B 4 13.80 -13.52 5.12
N MET B 5 12.81 -13.52 4.24
CA MET B 5 12.85 -12.74 3.00
C MET B 5 12.51 -11.28 3.22
N LEU B 6 11.55 -11.04 4.11
CA LEU B 6 11.24 -9.68 4.54
C LEU B 6 12.49 -9.10 5.22
N MET B 7 13.06 -9.87 6.13
CA MET B 7 14.30 -9.49 6.77
C MET B 7 15.39 -9.18 5.75
N ASN B 8 15.48 -9.99 4.69
CA ASN B 8 16.51 -9.79 3.68
C ASN B 8 16.28 -8.54 2.84
N LEU B 9 15.01 -8.17 2.63
CA LEU B 9 14.67 -7.03 1.79
C LEU B 9 14.80 -5.71 2.54
N LEU B 10 14.76 -5.79 3.88
CA LEU B 10 14.90 -4.63 4.75
C LEU B 10 16.34 -4.24 5.01
N LYS B 11 17.21 -5.24 5.20
CA LYS B 11 18.61 -4.99 5.49
C LYS B 11 19.19 -4.10 4.40
C16 MI4 C . -5.71 -4.36 -3.60
C21 MI4 C . -6.46 -6.72 -1.97
C34 MI4 C . -5.34 -13.33 -2.52
C15 MI4 C . -5.17 -3.41 -4.67
C13 MI4 C . -5.59 -5.58 -5.72
C28 MI4 C . 2.15 -1.19 -9.31
C37 MI4 C . -4.17 -11.08 -2.85
C14 MI4 C . -5.66 -4.05 -5.95
C33 MI4 C . -4.39 -13.64 -1.32
C35 MI4 C . -3.21 -11.39 -1.66
C30 MI4 C . -3.34 -13.15 -4.09
C8 MI4 C . -4.94 -3.72 -7.26
C12 MI4 C . -6.39 -6.24 -6.90
C18 MI4 C . -4.12 -6.15 -5.69
C31 MI4 C . -2.37 -13.47 -2.90
C11 MI4 C . -5.94 -5.76 -8.32
C7 MI4 C . -3.73 -3.09 -7.34
C32 MI4 C . -3.12 -14.38 -1.85
C23 MI4 C . -6.41 -9.07 -4.63
C22 MI4 C . -6.93 -8.04 -3.97
C24 MI4 C . -7.19 -10.23 -5.16
C25 MI4 C . -6.91 -11.49 -4.38
C20 MI4 C . -6.08 -6.92 -3.45
C26 MI4 C . -5.53 -12.05 -4.76
C17 MI4 C . -6.26 -5.62 -4.31
C29 MI4 C . -4.61 -12.40 -3.57
C3 MI4 C . -0.18 -0.75 -9.96
C9 MI4 C . -5.73 -4.24 -8.44
C6 MI4 C . -3.03 -2.76 -8.60
C36 MI4 C . -1.95 -12.13 -2.20
C38 MI4 C . -3.96 -12.30 -0.64
C5 MI4 C . -1.80 -2.19 -8.65
C10 MI4 C . -1.00 -1.88 -7.34
C1 MI4 C . 0.39 -1.23 -7.51
C4 MI4 C . -1.19 -1.89 -10.02
C2 MI4 C . 0.86 -1.07 -8.94
O3 MI4 C . -7.89 -12.46 -4.69
O1 MI4 C . 1.30 -2.02 -6.77
O2 MI4 C . -0.86 0.45 -9.62
#